data_4JSR
#
_entry.id   4JSR
#
_cell.length_a   119.320
_cell.length_b   119.320
_cell.length_c   44.530
_cell.angle_alpha   90.00
_cell.angle_beta   90.00
_cell.angle_gamma   120.00
#
_symmetry.space_group_name_H-M   'P 65'
#
loop_
_entity.id
_entity.type
_entity.pdbx_description
1 polymer 'NAD-dependent protein deacetylase sirtuin-3, mitochondrial'
2 non-polymer 'ZINC ION'
3 non-polymer "N-{2-[1-(6-carbamoylthieno[3,2-d]pyrimidin-4-yl)piperidin-4-yl]ethyl}-N'-ethylthiophene-2,5-dicarboxamide"
4 water water
#
_entity_poly.entity_id   1
_entity_poly.type   'polypeptide(L)'
_entity_poly.pdbx_seq_one_letter_code
;SNASDKGKLSLQDVAELIRARACQRVVVMVGAGISTPSGIPDFRSPGSGLYSNLQQYDLPYPEAIFELPFFFHNPKPFFT
LAKELYPGNYKPNVTHYFLRLLHDKGLLLRLYTQNIDGLERVSGIPASKLVEAHGTFASATCTVCQRPFPGEDIRADVMA
DRVPRCPVCTGVVKPDIVFFGEPLPQRFLLHVVDFPMADLLLILGTSLEVEPFASLTEAVRSSVPRLLINRDLVGPLAWH
PRSRDVAQLGDVVHGVESLVELLGWTEEMRDLVQRETGKLDGPDK
;
_entity_poly.pdbx_strand_id   A
#
loop_
_chem_comp.id
_chem_comp.type
_chem_comp.name
_chem_comp.formula
1NQ non-polymer N-{2-[1-(6-carbamoylthieno[3,2-d]pyrimidin-4-yl)piperidin-4-yl]ethyl}-N'-ethylthiophene-2,5-dicarboxamide 'C22 H26 N6 O3 S2'
ZN non-polymer 'ZINC ION' 'Zn 2'
#
# COMPACT_ATOMS: atom_id res chain seq x y z
N GLY A 7 -7.15 -22.93 16.32
CA GLY A 7 -6.15 -23.51 15.32
C GLY A 7 -5.97 -24.99 15.53
N LYS A 8 -5.46 -25.74 14.54
CA LYS A 8 -4.87 -25.21 13.30
C LYS A 8 -5.91 -24.71 12.31
N LEU A 9 -5.92 -23.41 12.02
CA LEU A 9 -6.97 -22.91 11.10
C LEU A 9 -6.63 -23.08 9.65
N SER A 10 -7.63 -23.21 8.78
CA SER A 10 -7.43 -23.20 7.35
C SER A 10 -7.92 -21.87 6.78
N LEU A 11 -7.64 -21.65 5.52
CA LEU A 11 -8.15 -20.45 4.79
C LEU A 11 -9.68 -20.54 4.84
N GLN A 12 -10.22 -21.75 4.64
CA GLN A 12 -11.70 -21.87 4.66
C GLN A 12 -12.27 -21.51 6.01
N ASP A 13 -11.59 -21.86 7.09
CA ASP A 13 -12.00 -21.53 8.45
C ASP A 13 -12.07 -20.01 8.62
N VAL A 14 -11.06 -19.32 8.09
CA VAL A 14 -11.10 -17.88 8.16
C VAL A 14 -12.23 -17.28 7.29
N ALA A 15 -12.48 -17.82 6.10
CA ALA A 15 -13.55 -17.35 5.20
C ALA A 15 -14.88 -17.53 5.94
N GLU A 16 -15.05 -18.67 6.63
CA GLU A 16 -16.28 -18.86 7.40
C GLU A 16 -16.45 -17.84 8.49
N LEU A 17 -15.40 -17.45 9.21
CA LEU A 17 -15.50 -16.49 10.31
C LEU A 17 -15.85 -15.12 9.70
N ILE A 18 -15.31 -14.79 8.50
CA ILE A 18 -15.65 -13.55 7.86
C ILE A 18 -17.12 -13.58 7.39
N ARG A 19 -17.53 -14.72 6.83
CA ARG A 19 -18.95 -14.80 6.37
C ARG A 19 -19.91 -14.68 7.58
N ALA A 20 -19.50 -15.13 8.76
CA ALA A 20 -20.35 -15.17 9.98
C ALA A 20 -20.30 -13.75 10.58
N ARG A 21 -19.49 -12.87 9.99
CA ARG A 21 -19.26 -11.54 10.65
C ARG A 21 -18.67 -11.64 12.12
N ALA A 22 -17.89 -12.69 12.40
CA ALA A 22 -17.22 -12.81 13.66
C ALA A 22 -15.91 -11.96 13.57
N CYS A 23 -15.49 -11.61 12.35
CA CYS A 23 -14.29 -10.76 12.12
C CYS A 23 -14.76 -9.40 11.58
N GLN A 24 -15.02 -8.46 12.41
CA GLN A 24 -15.48 -7.20 11.81
C GLN A 24 -14.56 -6.02 12.06
N ARG A 25 -13.37 -6.27 12.58
CA ARG A 25 -12.40 -5.20 12.73
C ARG A 25 -11.11 -5.72 12.12
N VAL A 26 -11.11 -5.81 10.78
CA VAL A 26 -9.97 -6.41 10.07
C VAL A 26 -8.94 -5.27 9.92
N VAL A 27 -7.72 -5.56 10.33
CA VAL A 27 -6.56 -4.69 10.03
C VAL A 27 -5.84 -5.43 8.87
N VAL A 28 -5.48 -4.63 7.81
CA VAL A 28 -4.83 -5.21 6.63
C VAL A 28 -3.46 -4.52 6.47
N MET A 29 -2.44 -5.30 6.22
CA MET A 29 -1.10 -4.67 5.94
C MET A 29 -0.71 -5.21 4.56
N VAL A 30 -0.20 -4.31 3.69
CA VAL A 30 0.07 -4.74 2.31
C VAL A 30 1.44 -4.14 1.89
N GLY A 31 2.11 -4.78 0.97
CA GLY A 31 3.37 -4.21 0.45
C GLY A 31 3.43 -4.41 -1.05
N ALA A 32 4.64 -4.36 -1.55
CA ALA A 32 4.86 -4.37 -3.03
C ALA A 32 4.30 -5.53 -3.85
N GLY A 33 4.24 -6.66 -3.15
CA GLY A 33 3.76 -7.86 -3.80
C GLY A 33 2.32 -7.75 -4.26
N ILE A 34 1.50 -6.85 -3.71
CA ILE A 34 0.17 -6.74 -4.26
C ILE A 34 0.02 -5.96 -5.54
N SER A 35 1.07 -5.22 -5.96
CA SER A 35 0.88 -4.33 -7.15
C SER A 35 1.76 -4.73 -8.33
N THR A 36 2.51 -5.78 -8.12
CA THR A 36 3.20 -6.29 -9.34
C THR A 36 2.21 -6.72 -10.43
N PRO A 37 1.00 -7.24 -10.13
CA PRO A 37 0.08 -7.55 -11.22
C PRO A 37 -0.55 -6.38 -11.90
N SER A 38 -0.42 -5.19 -11.31
CA SER A 38 -0.81 -4.01 -11.97
C SER A 38 0.25 -3.47 -12.92
N GLY A 39 1.38 -4.12 -12.96
CA GLY A 39 2.45 -3.63 -13.80
C GLY A 39 3.54 -2.82 -13.13
N ILE A 40 3.59 -2.79 -11.78
CA ILE A 40 4.65 -2.13 -11.05
C ILE A 40 5.52 -3.12 -10.37
N PRO A 41 6.69 -3.39 -10.93
CA PRO A 41 7.60 -4.29 -10.22
C PRO A 41 8.08 -3.80 -8.88
N ASP A 42 8.38 -4.69 -7.94
CA ASP A 42 9.08 -4.27 -6.76
C ASP A 42 10.36 -3.46 -7.22
N PHE A 43 10.64 -2.34 -6.54
CA PHE A 43 11.79 -1.44 -6.92
C PHE A 43 13.07 -2.27 -6.89
N ARG A 44 13.12 -3.32 -6.05
CA ARG A 44 14.34 -4.15 -5.89
C ARG A 44 14.40 -5.29 -6.95
N SER A 45 13.45 -5.38 -7.86
CA SER A 45 13.51 -6.55 -8.78
C SER A 45 14.70 -6.39 -9.73
N PRO A 46 15.46 -7.47 -9.84
CA PRO A 46 16.54 -7.25 -10.85
C PRO A 46 15.99 -7.05 -12.20
N GLY A 47 16.69 -6.22 -12.97
CA GLY A 47 16.29 -5.98 -14.31
C GLY A 47 15.17 -4.96 -14.36
N SER A 48 13.97 -5.29 -13.82
CA SER A 48 12.77 -4.49 -14.15
C SER A 48 12.44 -3.42 -13.06
N GLY A 49 13.07 -3.53 -11.92
CA GLY A 49 12.68 -2.70 -10.73
C GLY A 49 13.37 -1.32 -10.81
N LEU A 50 12.68 -0.32 -10.27
CA LEU A 50 13.24 1.07 -10.25
C LEU A 50 14.74 1.13 -9.94
N TYR A 51 15.24 0.42 -8.95
CA TYR A 51 16.55 0.67 -8.43
C TYR A 51 17.57 0.08 -9.40
N SER A 52 17.11 -0.71 -10.37
CA SER A 52 18.05 -1.34 -11.43
C SER A 52 17.96 -0.61 -12.74
N ASN A 53 17.29 0.56 -12.75
CA ASN A 53 17.08 1.32 -13.96
C ASN A 53 17.51 2.78 -13.70
N LEU A 54 18.74 2.90 -13.25
CA LEU A 54 19.28 4.26 -12.93
C LEU A 54 19.30 5.14 -14.16
N GLN A 55 19.59 4.55 -15.32
CA GLN A 55 19.63 5.39 -16.54
C GLN A 55 18.29 6.01 -16.92
N GLN A 56 17.19 5.29 -16.86
CA GLN A 56 15.99 5.96 -17.31
C GLN A 56 15.51 7.07 -16.34
N TYR A 57 15.95 7.03 -15.07
CA TYR A 57 15.62 8.11 -14.13
C TYR A 57 16.67 9.17 -14.01
N ASP A 58 17.85 8.93 -14.61
CA ASP A 58 18.98 9.83 -14.46
C ASP A 58 19.53 9.95 -13.01
N LEU A 59 19.57 8.80 -12.33
CA LEU A 59 20.09 8.75 -10.96
C LEU A 59 21.54 8.39 -10.83
N PRO A 60 22.25 9.00 -9.88
CA PRO A 60 23.63 8.57 -9.67
C PRO A 60 23.83 7.31 -8.81
N TYR A 61 22.83 6.92 -7.98
CA TYR A 61 22.83 5.64 -7.29
C TYR A 61 21.29 5.51 -6.96
N PRO A 62 20.81 4.32 -6.57
CA PRO A 62 19.35 4.08 -6.45
C PRO A 62 18.68 4.84 -5.29
N GLU A 63 19.37 4.99 -4.16
CA GLU A 63 18.70 5.60 -3.04
C GLU A 63 18.40 7.05 -3.29
N ALA A 64 19.16 7.62 -4.24
CA ALA A 64 19.08 9.10 -4.42
C ALA A 64 17.66 9.58 -4.74
N ILE A 65 16.86 8.71 -5.33
CA ILE A 65 15.53 9.11 -5.75
C ILE A 65 14.68 9.46 -4.56
N PHE A 66 14.97 8.91 -3.35
CA PHE A 66 14.18 9.28 -2.15
C PHE A 66 15.04 9.91 -1.12
N GLU A 67 16.06 10.70 -1.55
CA GLU A 67 16.94 11.39 -0.58
C GLU A 67 16.69 12.87 -0.74
N LEU A 68 16.55 13.53 0.39
CA LEU A 68 16.24 14.98 0.35
C LEU A 68 17.40 15.83 -0.20
N PRO A 69 18.66 15.50 0.15
CA PRO A 69 19.70 16.47 -0.42
C PRO A 69 19.85 16.34 -1.90
N PHE A 70 19.78 15.11 -2.44
CA PHE A 70 19.77 14.94 -3.89
C PHE A 70 18.56 15.63 -4.54
N PHE A 71 17.38 15.45 -3.93
CA PHE A 71 16.21 16.03 -4.50
C PHE A 71 16.34 17.56 -4.64
N PHE A 72 16.90 18.15 -3.64
CA PHE A 72 17.12 19.62 -3.71
C PHE A 72 18.13 20.04 -4.75
N HIS A 73 19.10 19.16 -4.96
CA HIS A 73 20.07 19.39 -5.99
C HIS A 73 19.51 19.21 -7.37
N ASN A 74 18.66 18.18 -7.55
CA ASN A 74 18.03 17.87 -8.78
C ASN A 74 16.73 17.09 -8.58
N PRO A 75 15.60 17.75 -8.70
CA PRO A 75 14.30 17.07 -8.41
C PRO A 75 13.79 16.30 -9.63
N LYS A 76 14.45 16.38 -10.80
CA LYS A 76 13.86 15.81 -12.02
C LYS A 76 13.73 14.28 -11.99
N PRO A 77 14.70 13.57 -11.41
CA PRO A 77 14.52 12.09 -11.34
C PRO A 77 13.26 11.71 -10.54
N PHE A 78 13.14 12.26 -9.37
CA PHE A 78 11.89 11.96 -8.57
C PHE A 78 10.65 12.35 -9.36
N PHE A 79 10.65 13.52 -10.01
CA PHE A 79 9.47 13.90 -10.75
C PHE A 79 9.16 13.05 -11.97
N THR A 80 10.20 12.40 -12.52
CA THR A 80 9.92 11.35 -13.54
C THR A 80 9.14 10.19 -12.93
N LEU A 81 9.52 9.77 -11.72
CA LEU A 81 8.78 8.70 -11.06
C LEU A 81 7.34 9.21 -10.74
N ALA A 82 7.23 10.44 -10.24
CA ALA A 82 5.92 10.95 -9.93
C ALA A 82 4.99 10.94 -11.14
N LYS A 83 5.51 11.28 -12.35
CA LYS A 83 4.70 11.34 -13.51
C LYS A 83 4.27 9.89 -13.84
N GLU A 84 5.09 8.91 -13.58
CA GLU A 84 4.72 7.47 -13.88
C GLU A 84 3.66 6.98 -12.89
N LEU A 85 3.84 7.30 -11.60
CA LEU A 85 2.99 6.74 -10.52
C LEU A 85 1.76 7.59 -10.22
N TYR A 86 1.63 8.82 -10.78
CA TYR A 86 0.50 9.69 -10.50
C TYR A 86 -0.79 8.95 -10.86
N PRO A 87 -1.83 9.17 -10.10
CA PRO A 87 -3.13 8.47 -10.40
C PRO A 87 -3.57 8.52 -11.83
N GLY A 88 -4.03 7.40 -12.35
CA GLY A 88 -4.52 7.31 -13.75
C GLY A 88 -3.65 6.53 -14.69
N ASN A 89 -2.43 6.21 -14.28
CA ASN A 89 -1.58 5.50 -15.17
C ASN A 89 -1.74 3.98 -14.85
N TYR A 90 -1.54 3.55 -13.61
CA TYR A 90 -1.75 2.14 -13.27
C TYR A 90 -3.16 1.90 -12.74
N LYS A 91 -3.66 0.67 -12.92
CA LYS A 91 -4.99 0.29 -12.45
C LYS A 91 -4.91 -0.66 -11.27
N PRO A 92 -5.84 -0.52 -10.31
CA PRO A 92 -5.78 -1.46 -9.20
C PRO A 92 -6.06 -2.84 -9.78
N ASN A 93 -5.65 -3.87 -9.06
CA ASN A 93 -6.05 -5.24 -9.46
C ASN A 93 -6.98 -5.90 -8.45
N VAL A 94 -7.21 -7.20 -8.63
CA VAL A 94 -8.18 -7.87 -7.80
C VAL A 94 -7.86 -7.81 -6.32
N THR A 95 -6.56 -7.77 -5.95
CA THR A 95 -6.21 -7.66 -4.56
C THR A 95 -6.77 -6.33 -3.99
N HIS A 96 -6.54 -5.22 -4.70
CA HIS A 96 -7.02 -3.98 -4.25
C HIS A 96 -8.56 -4.00 -4.21
N TYR A 97 -9.22 -4.56 -5.23
CA TYR A 97 -10.72 -4.63 -5.21
C TYR A 97 -11.27 -5.48 -4.11
N PHE A 98 -10.53 -6.53 -3.73
CA PHE A 98 -10.92 -7.31 -2.55
C PHE A 98 -10.98 -6.46 -1.25
N LEU A 99 -9.92 -5.62 -1.09
CA LEU A 99 -9.87 -4.77 0.08
C LEU A 99 -11.01 -3.73 0.01
N ARG A 100 -11.30 -3.22 -1.18
CA ARG A 100 -12.47 -2.30 -1.43
C ARG A 100 -13.79 -2.97 -1.01
N LEU A 101 -13.92 -4.25 -1.39
CA LEU A 101 -15.13 -5.02 -0.96
C LEU A 101 -15.18 -5.22 0.56
N LEU A 102 -14.04 -5.49 1.22
CA LEU A 102 -13.93 -5.61 2.67
C LEU A 102 -14.45 -4.33 3.30
N HIS A 103 -14.00 -3.22 2.74
CA HIS A 103 -14.51 -1.93 3.22
C HIS A 103 -16.02 -1.72 2.94
N ASP A 104 -16.47 -1.98 1.73
CA ASP A 104 -17.96 -1.79 1.37
C ASP A 104 -18.85 -2.66 2.22
N LYS A 105 -18.33 -3.81 2.63
CA LYS A 105 -19.06 -4.65 3.64
C LYS A 105 -18.96 -4.27 5.13
N GLY A 106 -18.27 -3.18 5.47
CA GLY A 106 -18.20 -2.80 6.89
C GLY A 106 -17.21 -3.54 7.75
N LEU A 107 -16.25 -4.23 7.14
CA LEU A 107 -15.37 -5.03 7.97
C LEU A 107 -13.93 -4.51 8.10
N LEU A 108 -13.61 -3.45 7.34
CA LEU A 108 -12.21 -2.98 7.37
C LEU A 108 -12.01 -1.89 8.45
N LEU A 109 -11.19 -2.17 9.45
CA LEU A 109 -10.81 -1.18 10.49
C LEU A 109 -9.75 -0.18 9.92
N ARG A 110 -8.73 -0.74 9.30
CA ARG A 110 -7.66 0.12 8.68
C ARG A 110 -6.90 -0.75 7.71
N LEU A 111 -6.37 -0.08 6.68
CA LEU A 111 -5.45 -0.71 5.72
C LEU A 111 -4.15 0.10 5.82
N TYR A 112 -3.12 -0.56 6.25
CA TYR A 112 -1.77 0.00 6.38
C TYR A 112 -1.00 -0.45 5.13
N THR A 113 -0.55 0.54 4.36
CA THR A 113 0.15 0.19 3.09
C THR A 113 1.58 0.74 3.08
N GLN A 114 2.52 -0.08 2.59
CA GLN A 114 3.87 0.36 2.43
C GLN A 114 3.99 0.91 0.99
N ASN A 115 3.00 0.70 0.13
CA ASN A 115 3.11 1.08 -1.31
C ASN A 115 2.95 2.60 -1.43
N ILE A 116 3.59 3.17 -2.44
CA ILE A 116 3.30 4.59 -2.80
C ILE A 116 2.57 4.76 -4.12
N ASP A 117 2.07 3.68 -4.72
CA ASP A 117 1.35 3.79 -5.95
C ASP A 117 -0.06 4.32 -5.83
N GLY A 118 -0.51 4.41 -4.58
CA GLY A 118 -1.81 5.06 -4.36
C GLY A 118 -3.00 4.27 -4.86
N LEU A 119 -2.81 2.97 -5.18
CA LEU A 119 -3.89 2.23 -5.86
C LEU A 119 -5.01 1.85 -4.88
N GLU A 120 -4.73 1.81 -3.62
CA GLU A 120 -5.86 1.56 -2.61
C GLU A 120 -6.84 2.74 -2.71
N ARG A 121 -6.35 3.97 -2.66
CA ARG A 121 -7.28 5.07 -2.84
C ARG A 121 -7.98 5.09 -4.21
N VAL A 122 -7.26 4.76 -5.33
CA VAL A 122 -7.86 4.63 -6.64
C VAL A 122 -8.97 3.59 -6.66
N SER A 123 -8.82 2.55 -5.84
CA SER A 123 -9.81 1.48 -5.91
C SER A 123 -11.07 1.91 -5.22
N GLY A 124 -11.00 3.05 -4.52
CA GLY A 124 -12.20 3.68 -3.91
C GLY A 124 -12.28 3.51 -2.41
N ILE A 125 -11.22 3.07 -1.77
CA ILE A 125 -11.23 2.99 -0.34
C ILE A 125 -11.01 4.40 0.18
N PRO A 126 -11.85 4.83 1.14
CA PRO A 126 -11.62 6.25 1.59
C PRO A 126 -10.33 6.48 2.28
N ALA A 127 -9.81 7.73 2.13
CA ALA A 127 -8.62 8.10 2.88
C ALA A 127 -8.65 7.78 4.39
N SER A 128 -9.82 7.94 5.06
CA SER A 128 -9.84 7.71 6.48
C SER A 128 -9.60 6.27 6.87
N LYS A 129 -9.78 5.36 5.92
CA LYS A 129 -9.46 3.95 6.17
C LYS A 129 -7.99 3.56 5.89
N LEU A 130 -7.19 4.52 5.36
CA LEU A 130 -5.82 4.16 4.87
C LEU A 130 -4.78 4.76 5.76
N VAL A 131 -3.73 4.00 6.07
CA VAL A 131 -2.47 4.53 6.61
C VAL A 131 -1.41 4.32 5.49
N GLU A 132 -1.13 5.42 4.78
CA GLU A 132 -0.16 5.31 3.64
C GLU A 132 1.17 5.63 4.30
N ALA A 133 1.80 4.59 4.79
CA ALA A 133 2.87 4.74 5.70
C ALA A 133 4.15 5.36 5.07
N HIS A 134 4.26 5.28 3.76
CA HIS A 134 5.44 5.92 3.10
C HIS A 134 4.93 7.12 2.30
N GLY A 135 3.72 7.58 2.58
CA GLY A 135 3.25 8.80 1.93
C GLY A 135 2.45 8.52 0.71
N THR A 136 2.19 9.61 -0.08
CA THR A 136 1.25 9.53 -1.21
C THR A 136 1.51 10.66 -2.20
N PHE A 137 1.20 10.37 -3.45
CA PHE A 137 1.09 11.35 -4.57
C PHE A 137 -0.20 12.15 -4.49
N ALA A 138 -1.09 11.81 -3.56
CA ALA A 138 -2.43 12.44 -3.59
C ALA A 138 -2.37 13.84 -3.00
N SER A 139 -1.26 14.17 -2.35
CA SER A 139 -1.10 15.56 -1.91
C SER A 139 0.39 15.92 -1.98
N ALA A 140 0.71 17.21 -1.87
CA ALA A 140 2.10 17.67 -1.91
C ALA A 140 2.29 18.83 -0.95
N THR A 141 3.54 19.10 -0.66
CA THR A 141 3.82 20.16 0.30
C THR A 141 4.96 21.02 -0.17
N CYS A 142 4.86 22.35 0.07
CA CYS A 142 6.00 23.24 -0.29
C CYS A 142 7.19 22.85 0.62
N THR A 143 8.36 22.65 0.03
CA THR A 143 9.52 22.26 0.76
C THR A 143 10.11 23.37 1.60
N VAL A 144 9.67 24.57 1.30
CA VAL A 144 10.17 25.77 2.01
C VAL A 144 9.27 26.32 3.04
N CYS A 145 7.98 26.51 2.74
CA CYS A 145 7.09 27.17 3.71
C CYS A 145 6.08 26.17 4.25
N GLN A 146 6.10 24.90 3.76
CA GLN A 146 5.12 23.90 4.25
C GLN A 146 3.64 24.04 3.88
N ARG A 147 3.31 24.90 2.92
CA ARG A 147 1.97 24.98 2.45
C ARG A 147 1.56 23.69 1.74
N PRO A 148 0.42 23.15 2.06
CA PRO A 148 -0.09 21.86 1.48
C PRO A 148 -0.82 22.17 0.20
N PHE A 149 -0.76 21.26 -0.76
CA PHE A 149 -1.53 21.33 -1.97
C PHE A 149 -2.18 19.98 -2.27
N PRO A 150 -3.42 20.02 -2.76
CA PRO A 150 -3.97 18.79 -3.36
C PRO A 150 -3.11 18.31 -4.50
N GLY A 151 -2.89 17.00 -4.61
CA GLY A 151 -2.09 16.52 -5.77
C GLY A 151 -2.62 16.96 -7.13
N GLU A 152 -3.94 17.12 -7.27
CA GLU A 152 -4.47 17.57 -8.53
C GLU A 152 -3.93 18.94 -8.88
N ASP A 153 -3.57 19.72 -7.89
CA ASP A 153 -3.18 21.10 -8.17
C ASP A 153 -1.79 21.25 -8.80
N ILE A 154 -0.99 20.23 -8.68
CA ILE A 154 0.34 20.24 -9.35
C ILE A 154 0.38 19.23 -10.53
N ARG A 155 -0.76 18.60 -10.80
CA ARG A 155 -0.85 17.62 -11.90
C ARG A 155 -0.36 18.14 -13.27
N ALA A 156 -0.83 19.31 -13.66
CA ALA A 156 -0.43 19.84 -14.97
C ALA A 156 1.10 19.96 -15.10
N ASP A 157 1.74 20.53 -14.04
CA ASP A 157 3.25 20.63 -13.98
C ASP A 157 3.87 19.24 -14.08
N VAL A 158 3.37 18.29 -13.29
CA VAL A 158 3.96 17.00 -13.30
C VAL A 158 3.89 16.37 -14.69
N MET A 159 2.76 16.51 -15.34
CA MET A 159 2.62 15.85 -16.64
C MET A 159 3.43 16.61 -17.72
N ALA A 160 3.69 17.90 -17.52
CA ALA A 160 4.43 18.68 -18.48
C ALA A 160 5.93 18.82 -18.15
N ASP A 161 6.43 17.98 -17.25
CA ASP A 161 7.78 17.99 -16.80
C ASP A 161 8.19 19.37 -16.32
N ARG A 162 7.29 20.05 -15.63
CA ARG A 162 7.77 21.24 -14.87
C ARG A 162 7.85 20.91 -13.37
N VAL A 163 8.79 21.51 -12.71
CA VAL A 163 8.97 21.27 -11.26
C VAL A 163 8.01 22.25 -10.65
N PRO A 164 6.96 21.79 -9.92
CA PRO A 164 5.89 22.71 -9.41
C PRO A 164 6.50 23.60 -8.34
N ARG A 165 6.02 24.85 -8.39
CA ARG A 165 6.45 25.88 -7.46
C ARG A 165 5.34 26.49 -6.57
N CYS A 166 5.74 26.91 -5.36
CA CYS A 166 4.77 27.44 -4.43
C CYS A 166 4.39 28.91 -4.79
N PRO A 167 3.11 29.16 -4.81
CA PRO A 167 2.73 30.61 -5.14
C PRO A 167 3.02 31.59 -4.03
N VAL A 168 3.23 31.13 -2.77
CA VAL A 168 3.67 32.01 -1.69
C VAL A 168 5.18 32.31 -1.69
N CYS A 169 6.06 31.33 -1.74
CA CYS A 169 7.44 31.56 -1.49
C CYS A 169 8.34 31.15 -2.63
N THR A 170 7.70 30.60 -3.64
CA THR A 170 8.45 30.10 -4.82
C THR A 170 9.31 28.88 -4.52
N GLY A 171 9.14 28.23 -3.37
CA GLY A 171 9.87 26.96 -3.21
C GLY A 171 9.36 25.83 -4.03
N VAL A 172 10.22 24.82 -4.17
CA VAL A 172 9.72 23.64 -4.86
C VAL A 172 8.63 22.89 -4.09
N VAL A 173 7.56 22.47 -4.75
CA VAL A 173 6.48 21.72 -4.09
C VAL A 173 6.70 20.25 -4.34
N LYS A 174 6.75 19.45 -3.25
CA LYS A 174 7.11 18.01 -3.42
C LYS A 174 5.91 17.20 -3.03
N PRO A 175 5.49 16.23 -3.86
CA PRO A 175 4.51 15.17 -3.43
C PRO A 175 4.95 14.61 -2.09
N ASP A 176 3.89 14.20 -1.33
CA ASP A 176 4.04 13.80 0.04
C ASP A 176 4.54 12.36 0.18
N ILE A 177 5.57 11.98 -0.58
CA ILE A 177 6.28 10.73 -0.34
C ILE A 177 7.31 10.90 0.79
N VAL A 178 7.33 9.95 1.75
CA VAL A 178 8.23 10.12 2.86
C VAL A 178 9.62 9.69 2.41
N PHE A 179 10.56 10.60 2.48
CA PHE A 179 11.89 10.20 1.96
C PHE A 179 12.76 9.54 3.06
N PHE A 180 13.88 8.94 2.61
CA PHE A 180 14.76 8.29 3.61
C PHE A 180 15.17 9.17 4.81
N GLY A 181 15.22 8.57 6.02
CA GLY A 181 15.51 9.35 7.23
C GLY A 181 14.41 10.27 7.81
N GLU A 182 13.28 10.49 7.15
CA GLU A 182 12.22 11.31 7.66
C GLU A 182 11.31 10.44 8.54
N PRO A 183 10.57 11.06 9.42
CA PRO A 183 9.65 10.23 10.26
C PRO A 183 8.49 9.72 9.40
N LEU A 184 7.87 8.60 9.83
CA LEU A 184 6.61 8.24 9.20
C LEU A 184 5.51 9.25 9.48
N PRO A 185 4.45 9.26 8.67
CA PRO A 185 3.36 10.21 8.76
C PRO A 185 2.73 10.00 10.14
N GLN A 186 2.22 11.10 10.65
CA GLN A 186 1.54 11.10 11.94
C GLN A 186 0.43 10.03 11.97
N ARG A 187 -0.21 9.79 10.83
CA ARG A 187 -1.29 8.78 10.80
C ARG A 187 -0.73 7.41 11.09
N PHE A 188 0.58 7.20 11.01
CA PHE A 188 1.07 5.92 11.33
C PHE A 188 0.75 5.56 12.81
N LEU A 189 0.65 6.56 13.67
CA LEU A 189 0.55 6.21 15.08
C LEU A 189 -0.90 5.79 15.42
N LEU A 190 -1.81 5.85 14.46
CA LEU A 190 -3.05 5.04 14.62
C LEU A 190 -2.81 3.59 14.98
N HIS A 191 -1.62 3.05 14.82
CA HIS A 191 -1.36 1.63 15.06
C HIS A 191 -1.58 1.33 16.58
N VAL A 192 -1.33 2.38 17.35
CA VAL A 192 -1.40 2.23 18.83
C VAL A 192 -2.80 1.83 19.26
N VAL A 193 -3.79 2.50 18.67
CA VAL A 193 -5.23 2.22 18.82
C VAL A 193 -5.84 0.98 18.00
N ASP A 194 -5.32 0.77 16.78
CA ASP A 194 -5.86 -0.21 15.87
C ASP A 194 -5.39 -1.62 16.14
N PHE A 195 -4.13 -1.86 16.47
CA PHE A 195 -3.66 -3.22 16.63
C PHE A 195 -4.26 -4.02 17.83
N PRO A 196 -4.38 -3.38 18.99
CA PRO A 196 -5.09 -4.06 20.13
C PRO A 196 -6.56 -4.32 19.84
N MET A 197 -7.12 -3.61 18.88
CA MET A 197 -8.51 -3.67 18.64
C MET A 197 -8.86 -4.63 17.44
N ALA A 198 -7.84 -4.99 16.66
CA ALA A 198 -8.07 -5.84 15.49
C ALA A 198 -8.63 -7.21 15.95
N ASP A 199 -9.55 -7.73 15.18
CA ASP A 199 -9.92 -9.10 15.41
C ASP A 199 -9.46 -10.05 14.35
N LEU A 200 -8.92 -9.50 13.26
CA LEU A 200 -8.31 -10.32 12.22
C LEU A 200 -7.21 -9.53 11.50
N LEU A 201 -6.01 -10.09 11.42
CA LEU A 201 -4.87 -9.34 10.79
C LEU A 201 -4.58 -10.02 9.47
N LEU A 202 -4.62 -9.24 8.34
CA LEU A 202 -4.55 -9.86 7.05
C LEU A 202 -3.28 -9.22 6.44
N ILE A 203 -2.33 -10.03 5.96
CA ILE A 203 -1.01 -9.49 5.45
C ILE A 203 -0.84 -9.97 4.06
N LEU A 204 -0.79 -9.06 3.07
CA LEU A 204 -0.84 -9.44 1.69
C LEU A 204 0.43 -8.86 0.96
N GLY A 205 1.14 -9.74 0.29
CA GLY A 205 2.17 -9.26 -0.68
C GLY A 205 3.38 -8.60 0.00
N THR A 206 3.65 -8.90 1.27
CA THR A 206 4.77 -8.40 2.02
C THR A 206 5.05 -9.39 3.13
N SER A 207 6.35 -9.55 3.46
CA SER A 207 6.57 -10.40 4.67
C SER A 207 6.82 -9.58 5.93
N LEU A 208 6.71 -8.28 5.86
CA LEU A 208 6.83 -7.40 6.98
C LEU A 208 8.16 -7.64 7.73
N GLU A 209 9.23 -7.87 6.99
CA GLU A 209 10.57 -7.88 7.61
C GLU A 209 11.04 -6.51 8.10
N VAL A 210 10.62 -5.43 7.46
CA VAL A 210 11.29 -4.22 7.93
C VAL A 210 10.61 -3.56 9.11
N GLU A 211 11.36 -3.09 10.10
CA GLU A 211 10.74 -2.27 11.16
C GLU A 211 10.38 -0.86 10.68
N PRO A 212 9.35 -0.19 11.26
CA PRO A 212 8.52 -0.53 12.45
C PRO A 212 7.38 -1.50 12.11
N PHE A 213 7.26 -1.94 10.84
CA PHE A 213 6.13 -2.83 10.44
C PHE A 213 6.24 -4.18 11.09
N ALA A 214 7.46 -4.68 11.24
CA ALA A 214 7.70 -6.07 11.70
C ALA A 214 7.13 -6.30 13.07
N SER A 215 7.37 -5.36 13.97
CA SER A 215 6.84 -5.46 15.33
C SER A 215 5.32 -5.42 15.43
N LEU A 216 4.69 -4.67 14.50
CA LEU A 216 3.25 -4.57 14.47
C LEU A 216 2.58 -5.98 14.35
N THR A 217 3.21 -6.92 13.69
CA THR A 217 2.66 -8.24 13.50
C THR A 217 2.44 -8.92 14.85
N GLU A 218 3.19 -8.49 15.86
CA GLU A 218 3.03 -9.11 17.19
C GLU A 218 2.15 -8.36 18.11
N ALA A 219 1.63 -7.25 17.63
CA ALA A 219 0.90 -6.33 18.41
C ALA A 219 -0.58 -6.66 18.43
N VAL A 220 -0.99 -7.67 17.69
CA VAL A 220 -2.42 -8.01 17.85
C VAL A 220 -2.52 -8.97 19.02
N ARG A 221 -3.74 -9.03 19.58
CA ARG A 221 -4.00 -9.91 20.69
C ARG A 221 -3.74 -11.40 20.41
N SER A 222 -3.59 -12.14 21.51
CA SER A 222 -3.12 -13.51 21.42
C SER A 222 -3.94 -14.42 20.56
N SER A 223 -5.24 -14.22 20.47
CA SER A 223 -6.05 -15.19 19.72
C SER A 223 -6.47 -14.70 18.32
N VAL A 224 -6.03 -13.50 17.96
CA VAL A 224 -6.36 -12.96 16.64
C VAL A 224 -5.71 -13.78 15.52
N PRO A 225 -6.47 -14.27 14.54
CA PRO A 225 -5.84 -14.99 13.44
C PRO A 225 -5.00 -13.98 12.66
N ARG A 226 -3.89 -14.52 12.20
CA ARG A 226 -3.05 -13.72 11.27
C ARG A 226 -2.99 -14.53 10.03
N LEU A 227 -3.53 -13.95 8.97
CA LEU A 227 -3.56 -14.60 7.70
C LEU A 227 -2.58 -13.95 6.75
N LEU A 228 -1.59 -14.68 6.33
CA LEU A 228 -0.57 -14.24 5.34
C LEU A 228 -0.85 -14.74 3.96
N ILE A 229 -0.98 -13.83 3.00
CA ILE A 229 -1.12 -14.23 1.62
C ILE A 229 0.08 -13.61 0.88
N ASN A 230 1.03 -14.46 0.58
CA ASN A 230 2.38 -13.99 0.22
C ASN A 230 3.14 -15.09 -0.51
N ARG A 231 4.18 -14.74 -1.26
CA ARG A 231 4.91 -15.79 -1.96
C ARG A 231 5.40 -16.87 -1.00
N ASP A 232 5.92 -16.47 0.14
CA ASP A 232 6.57 -17.45 0.97
C ASP A 232 6.36 -17.10 2.42
N LEU A 233 6.52 -18.12 3.27
CA LEU A 233 6.39 -17.86 4.69
C LEU A 233 7.79 -17.55 5.26
N VAL A 234 8.06 -16.27 5.35
CA VAL A 234 9.29 -15.67 5.89
C VAL A 234 8.91 -14.53 6.73
N GLY A 235 9.88 -13.87 7.34
CA GLY A 235 9.63 -12.74 8.16
C GLY A 235 9.02 -13.19 9.49
N PRO A 236 8.62 -12.25 10.28
CA PRO A 236 8.16 -12.44 11.63
C PRO A 236 7.06 -13.46 11.78
N LEU A 237 6.12 -13.61 10.82
CA LEU A 237 5.14 -14.67 11.05
C LEU A 237 5.87 -16.01 11.02
N ALA A 238 6.96 -16.15 10.24
CA ALA A 238 7.70 -17.45 10.17
C ALA A 238 8.58 -17.56 11.41
N TRP A 239 9.19 -16.43 11.85
CA TRP A 239 10.21 -16.52 12.93
C TRP A 239 9.46 -16.91 14.24
N HIS A 240 8.22 -16.41 14.37
CA HIS A 240 7.43 -16.61 15.59
C HIS A 240 5.95 -16.95 15.39
N PRO A 241 5.73 -18.14 14.92
CA PRO A 241 4.34 -18.57 14.53
C PRO A 241 3.46 -18.62 15.75
N ARG A 242 2.18 -18.35 15.50
CA ARG A 242 1.13 -18.46 16.52
C ARG A 242 0.07 -19.44 16.04
N SER A 243 -0.66 -19.98 17.02
CA SER A 243 -1.44 -21.13 16.73
C SER A 243 -2.64 -20.79 15.86
N ARG A 244 -3.10 -19.53 15.84
CA ARG A 244 -4.11 -19.19 14.82
C ARG A 244 -3.62 -18.50 13.55
N ASP A 245 -2.35 -18.69 13.22
CA ASP A 245 -1.89 -18.17 11.93
C ASP A 245 -2.26 -19.06 10.79
N VAL A 246 -2.55 -18.46 9.62
CA VAL A 246 -2.77 -19.15 8.37
C VAL A 246 -1.81 -18.61 7.25
N ALA A 247 -1.24 -19.50 6.48
CA ALA A 247 -0.46 -19.10 5.34
C ALA A 247 -1.07 -19.57 4.08
N GLN A 248 -1.23 -18.68 3.11
CA GLN A 248 -1.67 -19.05 1.77
C GLN A 248 -0.57 -18.57 0.82
N LEU A 249 0.25 -19.53 0.39
CA LEU A 249 1.49 -19.18 -0.28
C LEU A 249 1.44 -19.24 -1.80
N GLY A 250 2.46 -18.72 -2.44
CA GLY A 250 2.46 -18.75 -3.84
C GLY A 250 1.98 -17.43 -4.40
N ASP A 251 1.22 -17.48 -5.45
CA ASP A 251 0.83 -16.35 -6.12
C ASP A 251 -0.24 -15.56 -5.32
N VAL A 252 0.03 -14.28 -4.99
CA VAL A 252 -0.99 -13.60 -4.18
C VAL A 252 -2.35 -13.39 -4.90
N VAL A 253 -2.37 -13.14 -6.20
CA VAL A 253 -3.67 -13.04 -6.87
C VAL A 253 -4.48 -14.36 -6.77
N HIS A 254 -3.86 -15.46 -7.05
CA HIS A 254 -4.54 -16.73 -6.81
C HIS A 254 -4.97 -16.96 -5.38
N GLY A 255 -4.16 -16.55 -4.40
CA GLY A 255 -4.52 -16.72 -2.98
C GLY A 255 -5.82 -15.87 -2.80
N VAL A 256 -5.79 -14.63 -3.28
CA VAL A 256 -6.92 -13.76 -3.00
C VAL A 256 -8.19 -14.20 -3.78
N GLU A 257 -8.03 -14.63 -5.01
CA GLU A 257 -9.19 -15.23 -5.77
C GLU A 257 -9.72 -16.44 -5.10
N SER A 258 -8.82 -17.22 -4.51
CA SER A 258 -9.30 -18.40 -3.75
C SER A 258 -10.13 -18.00 -2.51
N LEU A 259 -9.65 -17.00 -1.76
CA LEU A 259 -10.40 -16.52 -0.56
C LEU A 259 -11.68 -15.90 -1.04
N VAL A 260 -11.63 -15.09 -2.10
CA VAL A 260 -12.90 -14.49 -2.63
C VAL A 260 -13.95 -15.56 -2.96
N GLU A 261 -13.51 -16.63 -3.55
CA GLU A 261 -14.51 -17.75 -3.80
C GLU A 261 -15.01 -18.42 -2.54
N LEU A 262 -14.13 -18.72 -1.57
CA LEU A 262 -14.62 -19.26 -0.31
C LEU A 262 -15.62 -18.33 0.41
N LEU A 263 -15.42 -17.00 0.29
CA LEU A 263 -16.33 -16.04 0.84
C LEU A 263 -17.71 -15.95 0.11
N GLY A 264 -17.81 -16.46 -1.13
CA GLY A 264 -18.97 -16.38 -1.97
C GLY A 264 -19.05 -14.99 -2.66
N TRP A 265 -17.89 -14.32 -2.81
CA TRP A 265 -17.89 -12.91 -3.37
C TRP A 265 -17.44 -12.83 -4.82
N THR A 266 -17.34 -13.93 -5.50
CA THR A 266 -16.76 -13.89 -6.83
C THR A 266 -17.57 -13.09 -7.83
N GLU A 267 -18.91 -13.26 -7.76
CA GLU A 267 -19.77 -12.53 -8.63
C GLU A 267 -19.80 -11.08 -8.23
N GLU A 268 -19.81 -10.81 -6.94
CA GLU A 268 -19.82 -9.43 -6.46
C GLU A 268 -18.50 -8.72 -6.86
N MET A 269 -17.39 -9.45 -6.76
CA MET A 269 -16.10 -8.91 -7.25
C MET A 269 -16.17 -8.57 -8.77
N ARG A 270 -16.66 -9.51 -9.61
CA ARG A 270 -16.78 -9.29 -11.08
C ARG A 270 -17.56 -8.01 -11.38
N ASP A 271 -18.69 -7.80 -10.72
CA ASP A 271 -19.50 -6.59 -10.89
C ASP A 271 -18.71 -5.31 -10.49
N LEU A 272 -18.13 -5.32 -9.27
CA LEU A 272 -17.29 -4.18 -8.80
C LEU A 272 -16.15 -3.83 -9.82
N VAL A 273 -15.44 -4.84 -10.26
CA VAL A 273 -14.36 -4.60 -11.19
C VAL A 273 -14.91 -4.04 -12.48
N GLN A 274 -16.11 -4.48 -12.88
CA GLN A 274 -16.71 -3.89 -14.12
C GLN A 274 -17.11 -2.44 -13.93
N ARG A 275 -17.84 -2.14 -12.88
CA ARG A 275 -18.23 -0.79 -12.61
C ARG A 275 -16.94 0.07 -12.62
N GLU A 276 -16.00 -0.20 -11.71
CA GLU A 276 -14.75 0.64 -11.58
C GLU A 276 -13.87 0.79 -12.83
N THR A 277 -13.66 -0.28 -13.59
CA THR A 277 -12.72 -0.14 -14.69
C THR A 277 -13.46 0.56 -15.80
N GLY A 278 -14.80 0.53 -15.74
CA GLY A 278 -15.64 1.42 -16.53
C GLY A 278 -15.20 2.82 -16.20
N LYS A 279 -15.53 3.28 -15.00
CA LYS A 279 -15.16 4.63 -14.56
C LYS A 279 -13.72 5.13 -14.85
N LEU A 280 -12.75 4.21 -15.02
CA LEU A 280 -11.33 4.60 -15.07
C LEU A 280 -10.91 5.02 -16.47
ZN ZN B . 6.10 27.86 -0.10
CAA 1NQ C . 11.54 4.85 10.82
CAJ 1NQ C . 11.31 6.30 10.34
NAS 1NQ C . 11.29 6.32 8.86
CAX 1NQ C . 11.35 5.20 8.14
OAD 1NQ C . 11.42 4.07 8.62
CAZ 1NQ C . 11.31 5.41 6.62
SAU 1NQ C . 11.50 4.21 5.47
CAG 1NQ C . 11.11 6.58 6.01
CAH 1NQ C . 11.13 6.52 4.66
CBA 1NQ C . 11.33 5.27 4.18
CAY 1NQ C . 11.38 4.90 2.70
OAE 1NQ C . 11.71 3.76 2.35
NAT 1NQ C . 11.06 5.87 1.85
CAK 1NQ C . 11.07 5.68 0.40
CAL 1NQ C . 9.69 5.21 -0.06
CBF 1NQ C . 9.58 3.68 0.00
CAN 1NQ C . 8.26 3.24 -0.64
CAP 1NQ C . 8.12 1.72 -0.60
CAM 1NQ C . 10.75 3.06 -0.76
CAO 1NQ C . 10.67 1.53 -0.74
NBG 1NQ C . 9.34 1.09 -1.18
C6 1NQ C . 9.20 0.09 -2.15
N1 1NQ C . 10.18 -0.82 -2.31
C2 1NQ C . 10.05 -1.76 -3.23
N3 1NQ C . 8.99 -1.84 -4.02
C4 1NQ C . 7.98 -0.97 -3.93
CAI 1NQ C . 6.83 -0.91 -4.65
C5 1NQ C . 8.09 0.03 -2.96
SAV 1NQ C . 6.70 0.97 -3.07
CBB 1NQ C . 6.02 0.09 -4.32
CAW 1NQ C . 4.66 0.38 -4.98
OAC 1NQ C . 4.05 1.41 -4.73
NAB 1NQ C . 4.23 -0.57 -5.82
#